data_5I2Y
#
_entry.id   5I2Y
#
_cell.length_a   119.197
_cell.length_b   119.197
_cell.length_c   171.350
_cell.angle_alpha   90.000
_cell.angle_beta   90.000
_cell.angle_gamma   90.000
#
_symmetry.space_group_name_H-M   'I 41 2 2'
#
loop_
_entity.id
_entity.type
_entity.pdbx_description
1 polymer 'Adrenocortical dysplasia protein homolog'
2 water water
#
_entity_poly.entity_id   1
_entity_poly.type   'polypeptide(L)'
_entity_poly.pdbx_seq_one_letter_code
;SGRLVLRPWIRELILGSETPSSPRAGQLLEVLQDAEAAVAGPSHAPDTSDVGATLLVSDGTHSVRCLVTREALDTSDWEE
AEFGFRGTEGRLLLLQDCGVHVQVAEGGAPAEFYLQVDRFSLLPTEQPRLRVPGCNQDLDVQKKLYDCLEEHLSESTSSN
A
;
_entity_poly.pdbx_strand_id   A,B
#
# COMPACT_ATOMS: atom_id res chain seq x y z
N SER A 1 5.89 -9.55 18.20
CA SER A 1 5.65 -8.33 19.04
C SER A 1 4.41 -7.53 18.55
N GLY A 2 3.35 -8.26 18.21
CA GLY A 2 2.14 -7.71 17.59
C GLY A 2 2.16 -7.88 16.08
N ARG A 3 1.08 -7.47 15.42
CA ARG A 3 1.00 -7.48 13.95
C ARG A 3 0.23 -6.26 13.51
N LEU A 4 0.70 -5.58 12.46
CA LEU A 4 0.04 -4.36 11.96
C LEU A 4 -1.13 -4.70 11.06
N VAL A 5 -2.21 -3.93 11.20
CA VAL A 5 -3.54 -4.31 10.71
C VAL A 5 -4.13 -3.19 9.84
N LEU A 6 -4.89 -3.58 8.81
CA LEU A 6 -5.57 -2.62 7.93
C LEU A 6 -7.04 -2.52 8.27
N ARG A 7 -7.56 -1.30 8.31
CA ARG A 7 -8.97 -1.11 8.64
C ARG A 7 -9.80 -1.49 7.43
N PRO A 8 -10.89 -2.26 7.65
CA PRO A 8 -11.89 -2.44 6.62
C PRO A 8 -12.43 -1.09 6.18
N TRP A 9 -12.79 -0.95 4.92
CA TRP A 9 -13.21 0.35 4.39
C TRP A 9 -14.25 0.32 3.27
N ILE A 10 -14.49 -0.85 2.67
CA ILE A 10 -15.34 -0.93 1.46
C ILE A 10 -16.78 -0.54 1.76
N ARG A 11 -17.39 -1.19 2.74
CA ARG A 11 -18.79 -0.91 3.06
C ARG A 11 -18.98 0.54 3.46
N GLU A 12 -18.07 1.03 4.27
CA GLU A 12 -18.12 2.39 4.78
C GLU A 12 -18.00 3.42 3.67
N LEU A 13 -17.20 3.10 2.66
CA LEU A 13 -16.95 3.99 1.52
C LEU A 13 -18.20 4.17 0.64
N ILE A 14 -18.79 3.03 0.29
CA ILE A 14 -19.97 2.97 -0.56
C ILE A 14 -21.14 3.66 0.11
N LEU A 15 -21.35 3.36 1.38
CA LEU A 15 -22.43 3.96 2.17
C LEU A 15 -22.14 5.43 2.48
N GLY A 16 -20.86 5.76 2.68
CA GLY A 16 -20.43 7.15 2.83
C GLY A 16 -20.77 7.96 1.59
N SER A 17 -21.09 9.24 1.78
CA SER A 17 -21.65 10.07 0.72
C SER A 17 -20.65 11.00 -0.01
N GLU A 18 -19.35 10.79 0.19
CA GLU A 18 -18.35 11.51 -0.58
C GLU A 18 -17.25 10.58 -1.07
N THR A 19 -16.52 11.02 -2.09
CA THR A 19 -15.43 10.25 -2.69
C THR A 19 -14.23 10.16 -1.73
N PRO A 20 -13.43 9.09 -1.85
CA PRO A 20 -12.37 8.91 -0.88
C PRO A 20 -11.26 9.94 -1.07
N SER A 21 -11.04 10.75 -0.04
CA SER A 21 -9.90 11.66 -0.02
C SER A 21 -8.63 10.83 0.12
N SER A 22 -8.71 9.75 0.89
CA SER A 22 -7.52 9.00 1.30
C SER A 22 -7.32 7.69 0.53
N PRO A 23 -6.06 7.24 0.43
CA PRO A 23 -5.71 5.99 -0.21
C PRO A 23 -6.14 4.82 0.63
N ARG A 24 -6.53 3.71 0.00
CA ARG A 24 -6.96 2.53 0.74
C ARG A 24 -6.24 1.25 0.33
N ALA A 25 -5.79 0.51 1.33
CA ALA A 25 -5.10 -0.76 1.10
C ALA A 25 -6.11 -1.90 1.10
N GLY A 26 -5.89 -2.87 0.22
CA GLY A 26 -6.74 -4.05 0.13
C GLY A 26 -6.01 -5.22 -0.50
N GLN A 27 -6.48 -6.45 -0.26
CA GLN A 27 -5.84 -7.63 -0.82
C GLN A 27 -6.44 -8.01 -2.15
N LEU A 28 -5.59 -8.42 -3.07
CA LEU A 28 -6.05 -8.93 -4.35
C LEU A 28 -6.44 -10.40 -4.17
N LEU A 29 -7.73 -10.71 -4.34
CA LEU A 29 -8.21 -12.09 -4.21
C LEU A 29 -8.14 -12.85 -5.51
N GLU A 30 -8.62 -12.22 -6.58
CA GLU A 30 -8.71 -12.87 -7.87
C GLU A 30 -8.54 -11.85 -9.01
N VAL A 31 -7.96 -12.33 -10.11
CA VAL A 31 -7.90 -11.59 -11.35
C VAL A 31 -9.01 -12.13 -12.23
N LEU A 32 -10.02 -11.32 -12.47
CA LEU A 32 -11.15 -11.76 -13.26
C LEU A 32 -10.78 -11.61 -14.73
N GLN A 33 -10.30 -10.41 -15.08
CA GLN A 33 -9.70 -10.13 -16.38
C GLN A 33 -8.34 -9.46 -16.15
N ASP A 34 -7.29 -10.01 -16.77
CA ASP A 34 -5.95 -9.44 -16.66
C ASP A 34 -5.71 -8.50 -17.82
N ALA A 35 -4.65 -7.70 -17.73
CA ALA A 35 -4.28 -6.75 -18.76
C ALA A 35 -2.95 -7.08 -19.45
N GLU A 36 -2.83 -6.56 -20.68
CA GLU A 36 -1.70 -6.77 -21.56
C GLU A 36 -1.09 -5.39 -21.78
N ALA A 37 0.22 -5.31 -21.94
CA ALA A 37 0.88 -4.03 -22.20
C ALA A 37 0.69 -3.62 -23.66
N ALA A 38 0.63 -2.30 -23.90
CA ALA A 38 0.49 -1.76 -25.26
C ALA A 38 1.81 -1.97 -25.99
N VAL A 39 1.74 -2.73 -27.09
CA VAL A 39 2.89 -2.98 -27.94
C VAL A 39 2.74 -2.19 -29.24
N ALA A 40 3.65 -1.24 -29.43
CA ALA A 40 3.70 -0.40 -30.61
C ALA A 40 4.10 -1.21 -31.84
N GLY A 41 3.68 -0.71 -33.00
CA GLY A 41 3.92 -1.38 -34.27
C GLY A 41 2.65 -2.10 -34.66
N PRO A 42 2.34 -2.11 -35.97
CA PRO A 42 1.22 -2.96 -36.40
C PRO A 42 1.61 -4.44 -36.42
N SER A 43 0.69 -5.28 -35.98
CA SER A 43 0.92 -6.71 -35.93
C SER A 43 -0.41 -7.43 -35.99
N HIS A 44 -0.37 -8.68 -36.44
CA HIS A 44 -1.58 -9.49 -36.57
C HIS A 44 -2.05 -10.08 -35.25
N ALA A 45 -1.21 -10.05 -34.23
CA ALA A 45 -1.63 -10.42 -32.88
C ALA A 45 -2.72 -9.47 -32.37
N PRO A 46 -3.73 -10.00 -31.65
CA PRO A 46 -4.79 -9.11 -31.12
C PRO A 46 -4.24 -8.02 -30.21
N ASP A 47 -4.85 -6.84 -30.22
CA ASP A 47 -4.45 -5.73 -29.36
C ASP A 47 -5.54 -5.41 -28.34
N THR A 48 -5.27 -5.69 -27.07
CA THR A 48 -6.25 -5.46 -26.02
C THR A 48 -5.77 -4.35 -25.08
N SER A 49 -4.94 -3.45 -25.61
CA SER A 49 -4.31 -2.42 -24.80
C SER A 49 -5.26 -1.31 -24.44
N ASP A 50 -6.47 -1.36 -25.00
CA ASP A 50 -7.52 -0.38 -24.73
C ASP A 50 -8.48 -0.88 -23.65
N VAL A 51 -8.09 -1.93 -22.93
CA VAL A 51 -8.94 -2.54 -21.90
C VAL A 51 -8.15 -2.72 -20.59
N GLY A 52 -8.77 -2.34 -19.49
CA GLY A 52 -8.12 -2.43 -18.19
C GLY A 52 -8.22 -3.78 -17.53
N ALA A 53 -7.54 -3.92 -16.41
CA ALA A 53 -7.63 -5.12 -15.59
C ALA A 53 -8.90 -5.05 -14.77
N THR A 54 -9.42 -6.22 -14.40
CA THR A 54 -10.59 -6.32 -13.55
C THR A 54 -10.29 -7.31 -12.44
N LEU A 55 -10.39 -6.86 -11.20
CA LEU A 55 -9.92 -7.62 -10.07
C LEU A 55 -11.01 -7.76 -9.05
N LEU A 56 -10.88 -8.78 -8.22
CA LEU A 56 -11.70 -8.94 -7.03
C LEU A 56 -10.83 -8.62 -5.83
N VAL A 57 -11.16 -7.56 -5.11
CA VAL A 57 -10.32 -7.04 -4.04
C VAL A 57 -11.01 -7.16 -2.68
N SER A 58 -10.30 -7.70 -1.69
CA SER A 58 -10.84 -7.81 -0.32
C SER A 58 -10.23 -6.79 0.62
N ASP A 59 -10.97 -6.48 1.69
CA ASP A 59 -10.49 -5.57 2.73
C ASP A 59 -10.51 -6.26 4.09
N GLY A 60 -10.52 -7.58 4.07
CA GLY A 60 -10.65 -8.39 5.29
C GLY A 60 -12.06 -8.81 5.63
N THR A 61 -13.04 -8.03 5.16
CA THR A 61 -14.44 -8.17 5.57
C THR A 61 -15.34 -8.37 4.36
N HIS A 62 -15.14 -7.56 3.33
CA HIS A 62 -15.86 -7.71 2.08
C HIS A 62 -14.93 -7.68 0.90
N SER A 63 -15.40 -8.21 -0.23
CA SER A 63 -14.71 -8.08 -1.50
C SER A 63 -15.45 -7.09 -2.39
N VAL A 64 -14.78 -6.65 -3.44
CA VAL A 64 -15.38 -5.76 -4.41
C VAL A 64 -14.67 -5.90 -5.76
N ARG A 65 -15.44 -5.76 -6.83
CA ARG A 65 -14.89 -5.77 -8.15
C ARG A 65 -14.27 -4.41 -8.44
N CYS A 66 -13.03 -4.43 -8.90
CA CYS A 66 -12.31 -3.21 -9.24
C CYS A 66 -11.94 -3.21 -10.70
N LEU A 67 -12.26 -2.13 -11.40
CA LEU A 67 -11.82 -1.91 -12.76
C LEU A 67 -10.56 -1.06 -12.73
N VAL A 68 -9.41 -1.68 -12.99
CA VAL A 68 -8.16 -0.93 -13.04
C VAL A 68 -8.05 -0.32 -14.42
N THR A 69 -8.25 0.99 -14.44
CA THR A 69 -8.31 1.78 -15.64
C THR A 69 -7.00 1.73 -16.39
N ARG A 70 -7.09 1.88 -17.70
CA ARG A 70 -5.93 1.91 -18.55
C ARG A 70 -4.94 2.99 -18.14
N GLU A 71 -5.43 4.19 -17.90
CA GLU A 71 -4.64 5.26 -17.31
C GLU A 71 -3.80 4.78 -16.11
N ALA A 72 -4.39 4.00 -15.21
CA ALA A 72 -3.67 3.50 -14.02
C ALA A 72 -2.58 2.49 -14.39
N LEU A 73 -2.85 1.67 -15.40
CA LEU A 73 -1.91 0.65 -15.82
C LEU A 73 -0.68 1.25 -16.51
N ASP A 74 -0.91 2.23 -17.38
CA ASP A 74 0.16 2.78 -18.19
C ASP A 74 1.07 3.75 -17.44
N THR A 75 0.55 4.39 -16.38
CA THR A 75 1.35 5.30 -15.54
C THR A 75 2.18 4.60 -14.46
N SER A 76 1.86 3.35 -14.13
CA SER A 76 2.64 2.60 -13.15
C SER A 76 3.93 2.16 -13.82
N ASP A 77 5.04 2.21 -13.08
CA ASP A 77 6.26 1.57 -13.51
C ASP A 77 6.24 0.15 -12.95
N TRP A 78 6.46 -0.83 -13.82
CA TRP A 78 6.41 -2.22 -13.41
C TRP A 78 7.82 -2.71 -13.17
N GLU A 79 8.41 -2.27 -12.06
CA GLU A 79 9.82 -2.55 -11.78
C GLU A 79 9.99 -3.96 -11.21
N GLU A 80 10.77 -4.78 -11.90
CA GLU A 80 10.95 -6.21 -11.60
C GLU A 80 9.60 -6.93 -11.42
N ALA A 81 8.68 -6.66 -12.35
CA ALA A 81 7.35 -7.23 -12.33
C ALA A 81 6.83 -7.33 -13.76
N GLU A 82 6.55 -8.54 -14.21
CA GLU A 82 5.85 -8.74 -15.47
C GLU A 82 4.59 -7.88 -15.46
N PHE A 83 4.33 -7.17 -16.55
CA PHE A 83 3.11 -6.37 -16.70
C PHE A 83 1.88 -7.24 -16.46
N GLY A 84 0.95 -6.72 -15.65
CA GLY A 84 -0.29 -7.44 -15.37
C GLY A 84 -0.30 -8.07 -13.99
N PHE A 85 -1.45 -8.64 -13.64
CA PHE A 85 -1.76 -8.98 -12.26
C PHE A 85 -1.74 -10.44 -11.88
N ARG A 86 -1.68 -11.35 -12.86
CA ARG A 86 -1.74 -12.77 -12.51
C ARG A 86 -0.39 -13.21 -11.97
N GLY A 87 -0.45 -14.08 -10.96
CA GLY A 87 0.71 -14.41 -10.16
C GLY A 87 0.78 -13.60 -8.88
N THR A 88 0.07 -12.47 -8.81
CA THR A 88 0.11 -11.58 -7.66
C THR A 88 -1.12 -11.71 -6.75
N GLU A 89 -1.85 -12.83 -6.84
CA GLU A 89 -3.01 -13.02 -5.99
C GLU A 89 -2.52 -13.23 -4.57
N GLY A 90 -3.25 -12.70 -3.61
CA GLY A 90 -2.84 -12.72 -2.22
C GLY A 90 -2.00 -11.52 -1.82
N ARG A 91 -1.58 -10.71 -2.80
CA ARG A 91 -0.76 -9.54 -2.53
C ARG A 91 -1.64 -8.42 -2.04
N LEU A 92 -1.05 -7.53 -1.25
CA LEU A 92 -1.69 -6.28 -0.90
C LEU A 92 -1.54 -5.30 -2.04
N LEU A 93 -2.53 -4.42 -2.12
CA LEU A 93 -2.72 -3.54 -3.25
C LEU A 93 -3.22 -2.22 -2.68
N LEU A 94 -2.53 -1.14 -2.99
CA LEU A 94 -2.94 0.18 -2.52
C LEU A 94 -3.67 0.94 -3.61
N LEU A 95 -4.92 1.28 -3.33
CA LEU A 95 -5.74 2.03 -4.28
C LEU A 95 -5.60 3.50 -3.90
N GLN A 96 -4.76 4.22 -4.63
CA GLN A 96 -4.45 5.60 -4.31
C GLN A 96 -5.45 6.60 -4.87
N ASP A 97 -6.07 6.24 -5.99
CA ASP A 97 -7.02 7.13 -6.65
C ASP A 97 -8.15 6.28 -7.23
N CYS A 98 -9.37 6.44 -6.71
CA CYS A 98 -10.49 5.59 -7.13
C CYS A 98 -11.85 6.17 -6.75
N GLY A 99 -12.92 5.56 -7.25
CA GLY A 99 -14.27 6.05 -7.02
C GLY A 99 -15.32 4.96 -7.10
N VAL A 100 -16.42 5.16 -6.38
CA VAL A 100 -17.51 4.20 -6.34
C VAL A 100 -18.48 4.47 -7.50
N HIS A 101 -18.70 3.44 -8.34
CA HIS A 101 -19.58 3.54 -9.50
C HIS A 101 -20.64 2.45 -9.48
N VAL A 102 -21.74 2.71 -10.19
CA VAL A 102 -22.86 1.77 -10.27
C VAL A 102 -22.86 1.10 -11.63
N GLN A 103 -22.84 -0.22 -11.63
CA GLN A 103 -22.99 -0.99 -12.85
C GLN A 103 -24.40 -1.54 -12.91
N VAL A 104 -25.20 -1.08 -13.88
CA VAL A 104 -26.57 -1.59 -14.05
C VAL A 104 -26.55 -3.01 -14.54
N ALA A 105 -27.71 -3.67 -14.45
CA ALA A 105 -27.81 -5.06 -14.87
C ALA A 105 -27.52 -5.21 -16.34
N GLU A 106 -26.87 -6.31 -16.72
CA GLU A 106 -26.37 -6.51 -18.08
C GLU A 106 -25.87 -7.94 -18.24
N GLY A 107 -26.08 -8.53 -19.41
CA GLY A 107 -25.55 -9.87 -19.72
C GLY A 107 -25.83 -10.97 -18.72
N GLY A 108 -26.99 -10.92 -18.06
CA GLY A 108 -27.38 -11.95 -17.09
C GLY A 108 -27.09 -11.64 -15.63
N ALA A 109 -26.31 -10.59 -15.38
CA ALA A 109 -25.86 -10.24 -14.02
C ALA A 109 -26.57 -9.01 -13.46
N PRO A 110 -27.06 -9.08 -12.21
CA PRO A 110 -27.79 -7.97 -11.62
C PRO A 110 -26.90 -6.78 -11.34
N ALA A 111 -27.50 -5.62 -11.09
CA ALA A 111 -26.74 -4.40 -10.84
C ALA A 111 -25.84 -4.56 -9.62
N GLU A 112 -24.81 -3.74 -9.54
CA GLU A 112 -23.91 -3.77 -8.39
C GLU A 112 -23.05 -2.52 -8.32
N PHE A 113 -22.50 -2.26 -7.13
CA PHE A 113 -21.48 -1.24 -6.93
C PHE A 113 -20.13 -1.83 -7.32
N TYR A 114 -19.25 -1.01 -7.88
CA TYR A 114 -17.87 -1.45 -8.13
C TYR A 114 -16.94 -0.26 -8.06
N LEU A 115 -15.65 -0.54 -7.88
CA LEU A 115 -14.66 0.52 -7.83
C LEU A 115 -13.96 0.67 -9.16
N GLN A 116 -13.69 1.91 -9.52
CA GLN A 116 -12.83 2.18 -10.65
C GLN A 116 -11.55 2.74 -10.11
N VAL A 117 -10.43 2.13 -10.48
CA VAL A 117 -9.15 2.52 -9.95
C VAL A 117 -8.39 3.26 -11.04
N ASP A 118 -7.99 4.50 -10.76
CA ASP A 118 -7.20 5.31 -11.70
C ASP A 118 -5.74 5.48 -11.28
N ARG A 119 -5.38 4.99 -10.10
CA ARG A 119 -3.99 5.00 -9.62
C ARG A 119 -3.83 3.97 -8.50
N PHE A 120 -2.77 3.18 -8.56
CA PHE A 120 -2.56 2.13 -7.58
C PHE A 120 -1.09 1.76 -7.49
N SER A 121 -0.74 1.09 -6.40
CA SER A 121 0.59 0.51 -6.21
C SER A 121 0.43 -0.85 -5.57
N LEU A 122 1.28 -1.80 -5.97
CA LEU A 122 1.36 -3.03 -5.23
C LEU A 122 2.29 -2.81 -4.07
N LEU A 123 1.90 -3.31 -2.91
CA LEU A 123 2.81 -3.40 -1.81
C LEU A 123 3.42 -4.79 -1.90
N PRO A 124 4.59 -4.99 -1.28
CA PRO A 124 5.27 -6.28 -1.35
C PRO A 124 4.60 -7.36 -0.50
N THR A 125 3.85 -6.95 0.52
CA THR A 125 3.17 -7.89 1.43
C THR A 125 2.31 -8.92 0.70
N GLU A 126 2.53 -10.19 1.00
CA GLU A 126 1.65 -11.27 0.55
C GLU A 126 1.08 -11.95 1.78
N GLN A 127 -0.07 -12.59 1.64
CA GLN A 127 -0.80 -13.09 2.78
C GLN A 127 -1.88 -14.09 2.33
N PRO A 128 -2.20 -15.08 3.18
CA PRO A 128 -3.32 -15.99 2.88
C PRO A 128 -4.61 -15.29 2.47
N ARG A 129 -5.37 -15.90 1.57
CA ARG A 129 -6.63 -15.31 1.09
C ARG A 129 -7.82 -15.96 1.78
N LEU A 130 -8.66 -15.14 2.41
CA LEU A 130 -9.78 -15.63 3.20
C LEU A 130 -11.12 -15.43 2.47
N ARG A 131 -11.96 -16.47 2.47
CA ARG A 131 -13.36 -16.34 2.02
C ARG A 131 -14.00 -15.13 2.64
N VAL A 132 -14.69 -14.37 1.83
CA VAL A 132 -15.25 -13.11 2.26
C VAL A 132 -16.49 -12.83 1.42
N PRO A 133 -17.58 -12.42 2.08
CA PRO A 133 -18.77 -12.07 1.29
C PRO A 133 -18.53 -10.85 0.40
N GLY A 134 -19.25 -10.76 -0.70
CA GLY A 134 -19.21 -9.55 -1.53
C GLY A 134 -19.85 -8.41 -0.77
N CYS A 135 -19.39 -7.20 -0.97
CA CYS A 135 -19.98 -6.04 -0.33
C CYS A 135 -21.42 -5.82 -0.80
N ASN A 136 -21.75 -6.32 -1.98
CA ASN A 136 -23.10 -6.19 -2.50
C ASN A 136 -24.08 -7.16 -1.87
N GLN A 137 -23.60 -8.12 -1.09
CA GLN A 137 -24.49 -8.98 -0.32
C GLN A 137 -24.99 -8.30 0.95
N ASP A 138 -24.38 -7.17 1.31
CA ASP A 138 -24.78 -6.43 2.50
C ASP A 138 -26.10 -5.71 2.29
N LEU A 139 -26.94 -5.72 3.32
CA LEU A 139 -28.30 -5.22 3.23
C LEU A 139 -28.36 -3.70 3.06
N ASP A 140 -27.51 -2.99 3.78
CA ASP A 140 -27.46 -1.54 3.68
C ASP A 140 -26.90 -1.08 2.34
N VAL A 141 -25.99 -1.87 1.78
CA VAL A 141 -25.43 -1.56 0.47
C VAL A 141 -26.51 -1.77 -0.57
N GLN A 142 -27.20 -2.92 -0.51
CA GLN A 142 -28.28 -3.24 -1.44
C GLN A 142 -29.32 -2.13 -1.50
N LYS A 143 -29.75 -1.66 -0.34
CA LYS A 143 -30.69 -0.54 -0.23
C LYS A 143 -30.16 0.73 -0.91
N LYS A 144 -28.89 1.03 -0.70
CA LYS A 144 -28.32 2.20 -1.35
C LYS A 144 -28.16 1.98 -2.85
N LEU A 145 -27.92 0.75 -3.27
CA LEU A 145 -27.85 0.45 -4.69
C LEU A 145 -29.15 0.85 -5.35
N TYR A 146 -30.26 0.34 -4.83
CA TYR A 146 -31.58 0.60 -5.40
C TYR A 146 -32.00 2.08 -5.27
N ASP A 147 -31.44 2.81 -4.30
CA ASP A 147 -31.61 4.27 -4.26
C ASP A 147 -30.96 4.92 -5.46
N CYS A 148 -29.71 4.53 -5.74
CA CYS A 148 -28.93 5.13 -6.81
C CYS A 148 -29.54 4.84 -8.18
N LEU A 149 -29.99 3.60 -8.38
CA LEU A 149 -30.67 3.21 -9.60
C LEU A 149 -31.81 4.14 -9.96
N GLU A 150 -32.63 4.45 -8.96
CA GLU A 150 -33.76 5.37 -9.13
C GLU A 150 -33.26 6.83 -9.22
N GLU A 151 -32.72 7.19 -10.40
CA GLU A 151 -32.28 8.57 -10.69
C GLU A 151 -31.79 8.70 -12.13
N SER B 1 -14.81 -13.23 7.58
CA SER B 1 -14.18 -11.99 8.12
C SER B 1 -12.96 -12.25 9.02
N GLY B 2 -11.95 -11.40 8.85
CA GLY B 2 -10.75 -11.40 9.67
C GLY B 2 -10.14 -10.02 9.55
N ARG B 3 -8.82 -9.95 9.48
CA ARG B 3 -8.12 -8.70 9.18
C ARG B 3 -6.96 -8.96 8.26
N LEU B 4 -6.60 -7.93 7.51
CA LEU B 4 -5.42 -7.96 6.69
C LEU B 4 -4.29 -7.41 7.54
N VAL B 5 -3.11 -8.01 7.38
CA VAL B 5 -1.94 -7.59 8.10
C VAL B 5 -0.80 -7.32 7.14
N LEU B 6 0.11 -6.45 7.55
CA LEU B 6 1.33 -6.20 6.80
C LEU B 6 2.39 -7.24 7.20
N ARG B 7 3.21 -7.68 6.24
CA ARG B 7 4.36 -8.52 6.54
C ARG B 7 5.54 -7.60 6.85
N PRO B 8 6.33 -7.95 7.87
CA PRO B 8 7.49 -7.14 8.18
C PRO B 8 8.49 -7.08 7.03
N TRP B 9 9.08 -5.90 6.82
CA TRP B 9 9.92 -5.65 5.64
C TRP B 9 11.27 -4.97 5.92
N ILE B 10 11.41 -4.38 7.10
CA ILE B 10 12.59 -3.59 7.45
C ILE B 10 13.86 -4.42 7.35
N ARG B 11 13.87 -5.54 8.05
CA ARG B 11 15.03 -6.41 8.08
C ARG B 11 15.37 -6.95 6.67
N GLU B 12 14.36 -7.33 5.90
CA GLU B 12 14.57 -7.84 4.55
C GLU B 12 15.14 -6.74 3.65
N LEU B 13 14.59 -5.54 3.78
CA LEU B 13 15.08 -4.38 3.07
C LEU B 13 16.58 -4.12 3.34
N ILE B 14 16.96 -4.14 4.60
CA ILE B 14 18.35 -3.87 4.95
C ILE B 14 19.30 -4.93 4.40
N LEU B 15 18.89 -6.20 4.46
CA LEU B 15 19.77 -7.30 4.08
C LEU B 15 19.90 -7.47 2.57
N GLY B 16 18.81 -7.29 1.83
CA GLY B 16 18.87 -7.29 0.37
C GLY B 16 19.75 -6.15 -0.09
N SER B 17 20.60 -6.39 -1.09
CA SER B 17 21.66 -5.44 -1.46
C SER B 17 21.33 -4.54 -2.67
N GLU B 18 20.04 -4.21 -2.85
CA GLU B 18 19.59 -3.30 -3.93
C GLU B 18 18.57 -2.28 -3.41
N THR B 19 18.56 -1.09 -3.99
CA THR B 19 17.54 -0.07 -3.69
C THR B 19 16.19 -0.52 -4.29
N PRO B 20 15.12 -0.51 -3.47
CA PRO B 20 13.82 -0.85 -4.03
C PRO B 20 13.18 0.36 -4.68
N SER B 21 12.36 0.13 -5.69
CA SER B 21 11.43 1.15 -6.21
C SER B 21 10.14 1.06 -5.39
N SER B 22 9.61 -0.16 -5.31
CA SER B 22 8.35 -0.48 -4.64
C SER B 22 8.25 0.20 -3.27
N PRO B 23 7.02 0.58 -2.89
CA PRO B 23 6.83 1.30 -1.65
C PRO B 23 6.62 0.34 -0.48
N ARG B 24 6.63 0.89 0.72
CA ARG B 24 6.46 0.11 1.96
C ARG B 24 5.55 0.83 2.92
N ALA B 25 4.66 0.08 3.56
CA ALA B 25 3.80 0.61 4.60
C ALA B 25 4.35 0.19 5.94
N GLY B 26 4.43 1.14 6.86
CA GLY B 26 4.79 0.88 8.24
C GLY B 26 3.98 1.82 9.13
N GLN B 27 4.05 1.62 10.43
CA GLN B 27 3.32 2.47 11.36
C GLN B 27 4.24 3.54 11.92
N LEU B 28 3.72 4.75 12.04
CA LEU B 28 4.44 5.82 12.71
C LEU B 28 4.40 5.60 14.23
N LEU B 29 5.56 5.33 14.82
CA LEU B 29 5.63 5.15 16.27
C LEU B 29 5.85 6.45 17.00
N GLU B 30 6.87 7.20 16.61
CA GLU B 30 7.20 8.44 17.29
C GLU B 30 7.80 9.45 16.32
N VAL B 31 7.49 10.72 16.55
CA VAL B 31 8.07 11.81 15.80
C VAL B 31 9.21 12.37 16.62
N LEU B 32 10.42 12.01 16.24
CA LEU B 32 11.61 12.42 16.96
C LEU B 32 11.92 13.88 16.66
N GLN B 33 11.92 14.24 15.38
CA GLN B 33 12.12 15.61 14.92
C GLN B 33 11.03 15.92 13.92
N ASP B 34 10.23 16.94 14.19
CA ASP B 34 9.17 17.29 13.27
C ASP B 34 9.74 18.16 12.15
N ALA B 35 8.88 18.66 11.27
CA ALA B 35 9.24 19.67 10.29
C ALA B 35 8.44 20.95 10.57
N GLU B 36 8.94 22.09 10.09
CA GLU B 36 8.23 23.38 10.22
C GLU B 36 7.29 23.64 9.04
N VAL B 51 16.56 21.43 7.15
CA VAL B 51 16.63 20.01 7.52
C VAL B 51 15.20 19.45 7.74
N GLY B 52 15.03 18.16 7.44
CA GLY B 52 13.70 17.55 7.36
C GLY B 52 13.11 17.04 8.66
N ALA B 53 12.60 15.81 8.62
CA ALA B 53 11.95 15.19 9.77
C ALA B 53 12.54 13.82 10.05
N THR B 54 12.54 13.43 11.32
CA THR B 54 13.02 12.12 11.74
C THR B 54 11.90 11.38 12.44
N LEU B 55 11.60 10.19 11.93
CA LEU B 55 10.48 9.39 12.42
C LEU B 55 10.97 8.04 12.85
N LEU B 56 10.34 7.48 13.88
CA LEU B 56 10.53 6.08 14.23
C LEU B 56 9.35 5.29 13.71
N VAL B 57 9.63 4.30 12.86
CA VAL B 57 8.61 3.59 12.11
C VAL B 57 8.68 2.08 12.38
N SER B 58 7.53 1.47 12.66
CA SER B 58 7.47 0.02 12.85
C SER B 58 6.89 -0.70 11.64
N ASP B 59 7.33 -1.94 11.45
CA ASP B 59 6.71 -2.85 10.49
C ASP B 59 6.01 -4.01 11.21
N GLY B 60 5.79 -3.84 12.53
CA GLY B 60 5.18 -4.88 13.37
C GLY B 60 6.18 -5.72 14.16
N THR B 61 7.37 -5.92 13.58
CA THR B 61 8.41 -6.79 14.11
C THR B 61 9.70 -6.05 14.49
N HIS B 62 9.99 -4.95 13.79
CA HIS B 62 11.12 -4.09 14.08
C HIS B 62 10.80 -2.63 13.85
N SER B 63 11.68 -1.74 14.32
CA SER B 63 11.56 -0.31 14.05
C SER B 63 12.80 0.22 13.37
N VAL B 64 12.68 1.39 12.76
CA VAL B 64 13.81 2.10 12.15
C VAL B 64 13.61 3.59 12.26
N ARG B 65 14.71 4.32 12.41
CA ARG B 65 14.66 5.77 12.24
C ARG B 65 14.60 6.05 10.73
N CYS B 66 13.58 6.79 10.30
CA CYS B 66 13.45 7.26 8.92
C CYS B 66 13.71 8.75 8.86
N LEU B 67 14.69 9.17 8.08
CA LEU B 67 14.90 10.58 7.84
C LEU B 67 14.11 10.95 6.61
N VAL B 68 13.03 11.71 6.81
CA VAL B 68 12.20 12.22 5.72
C VAL B 68 12.82 13.53 5.22
N THR B 69 13.27 13.55 3.96
CA THR B 69 14.03 14.69 3.41
C THR B 69 13.10 15.84 3.05
N ARG B 70 13.63 17.06 3.02
CA ARG B 70 12.80 18.23 2.67
C ARG B 70 12.19 18.09 1.27
N GLU B 71 12.94 17.45 0.37
CA GLU B 71 12.40 17.07 -0.92
C GLU B 71 11.05 16.40 -0.72
N ALA B 72 11.05 15.33 0.08
CA ALA B 72 9.84 14.53 0.31
C ALA B 72 8.69 15.35 0.85
N LEU B 73 9.01 16.34 1.68
CA LEU B 73 7.99 17.20 2.29
C LEU B 73 7.37 18.20 1.32
N ASP B 74 8.14 18.61 0.33
CA ASP B 74 7.66 19.57 -0.67
C ASP B 74 6.70 18.91 -1.65
N THR B 75 7.08 17.72 -2.12
CA THR B 75 6.30 16.98 -3.11
C THR B 75 5.33 15.98 -2.46
N SER B 76 4.37 16.52 -1.70
CA SER B 76 3.37 15.71 -0.99
C SER B 76 2.18 16.59 -0.59
N ASP B 77 0.96 16.07 -0.75
CA ASP B 77 -0.26 16.83 -0.43
C ASP B 77 -0.65 16.70 1.05
N TRP B 78 -0.61 17.82 1.77
CA TRP B 78 -1.09 17.87 3.16
C TRP B 78 -2.56 18.26 3.20
N PHE B 83 0.42 20.44 7.99
CA PHE B 83 1.87 20.33 8.03
C PHE B 83 2.34 20.07 9.46
N GLY B 84 3.34 19.18 9.59
CA GLY B 84 3.75 18.62 10.88
C GLY B 84 3.28 17.18 11.00
N PHE B 85 4.20 16.28 11.39
CA PHE B 85 3.87 14.88 11.62
C PHE B 85 3.25 14.61 12.98
N ARG B 86 3.50 15.47 13.95
CA ARG B 86 2.95 15.23 15.29
C ARG B 86 1.46 15.31 15.22
N GLY B 87 0.80 14.32 15.82
CA GLY B 87 -0.65 14.19 15.75
C GLY B 87 -1.09 13.06 14.84
N THR B 88 -0.18 12.59 13.98
CA THR B 88 -0.46 11.46 13.11
C THR B 88 0.19 10.16 13.64
N GLU B 89 0.61 10.15 14.89
CA GLU B 89 1.21 8.96 15.48
C GLU B 89 0.17 7.87 15.57
N GLY B 90 0.58 6.64 15.27
CA GLY B 90 -0.32 5.50 15.25
C GLY B 90 -0.82 5.18 13.85
N ARG B 91 -0.72 6.14 12.93
CA ARG B 91 -1.18 5.94 11.57
C ARG B 91 -0.18 5.14 10.78
N LEU B 92 -0.68 4.47 9.75
CA LEU B 92 0.20 3.85 8.77
C LEU B 92 0.76 4.93 7.87
N LEU B 93 1.89 4.60 7.24
CA LEU B 93 2.72 5.57 6.55
C LEU B 93 3.34 4.88 5.36
N LEU B 94 3.12 5.41 4.17
CA LEU B 94 3.64 4.78 2.96
C LEU B 94 4.94 5.45 2.57
N LEU B 95 5.97 4.65 2.38
CA LEU B 95 7.29 5.14 2.03
C LEU B 95 7.66 4.67 0.64
N GLN B 96 7.75 5.59 -0.31
CA GLN B 96 7.83 5.23 -1.74
C GLN B 96 9.23 5.26 -2.35
N ASP B 97 10.15 6.07 -1.81
CA ASP B 97 11.50 6.16 -2.39
C ASP B 97 12.59 6.10 -1.34
N CYS B 98 12.91 4.88 -0.91
CA CYS B 98 13.76 4.66 0.24
C CYS B 98 15.19 4.32 -0.11
N GLY B 99 16.10 4.72 0.77
CA GLY B 99 17.48 4.31 0.70
C GLY B 99 17.93 3.91 2.08
N VAL B 100 18.72 2.86 2.17
CA VAL B 100 19.29 2.43 3.42
C VAL B 100 20.62 3.17 3.57
N HIS B 101 20.89 3.70 4.76
CA HIS B 101 22.10 4.51 5.02
C HIS B 101 22.70 4.16 6.38
N VAL B 102 23.93 4.61 6.64
CA VAL B 102 24.63 4.28 7.88
C VAL B 102 25.06 5.51 8.66
N GLN B 103 24.39 5.77 9.78
CA GLN B 103 24.89 6.77 10.71
C GLN B 103 26.02 6.13 11.48
N VAL B 104 27.08 6.90 11.74
CA VAL B 104 28.30 6.37 12.36
C VAL B 104 28.44 6.80 13.82
N ALA B 105 29.15 5.97 14.60
CA ALA B 105 29.33 6.17 16.05
C ALA B 105 29.83 7.56 16.44
N GLU B 106 29.12 8.19 17.38
CA GLU B 106 29.49 9.51 17.90
C GLU B 106 30.03 9.37 19.33
N GLY B 107 29.14 9.18 20.30
CA GLY B 107 29.55 8.94 21.69
C GLY B 107 29.94 7.48 21.88
N GLY B 108 29.55 6.92 23.03
CA GLY B 108 29.73 5.48 23.29
C GLY B 108 28.84 4.60 22.42
N ALA B 109 27.78 5.19 21.85
CA ALA B 109 26.87 4.48 20.96
C ALA B 109 27.52 4.08 19.64
N PRO B 110 27.11 2.93 19.08
CA PRO B 110 27.74 2.44 17.87
C PRO B 110 27.00 2.96 16.64
N ALA B 111 27.42 2.49 15.47
CA ALA B 111 26.78 2.84 14.22
C ALA B 111 25.43 2.13 14.09
N GLU B 112 24.54 2.72 13.31
CA GLU B 112 23.21 2.17 13.03
C GLU B 112 22.87 2.30 11.56
N PHE B 113 21.99 1.43 11.10
CA PHE B 113 21.33 1.61 9.81
C PHE B 113 20.11 2.49 10.02
N TYR B 114 19.80 3.31 9.02
CA TYR B 114 18.53 4.05 8.98
C TYR B 114 18.08 4.24 7.54
N LEU B 115 16.81 4.60 7.37
CA LEU B 115 16.28 4.87 6.04
C LEU B 115 16.27 6.36 5.75
N GLN B 116 16.54 6.70 4.49
CA GLN B 116 16.25 8.01 4.00
C GLN B 116 15.02 7.88 3.12
N VAL B 117 14.00 8.67 3.41
CA VAL B 117 12.74 8.60 2.70
C VAL B 117 12.60 9.84 1.82
N ASP B 118 12.69 9.66 0.51
CA ASP B 118 12.60 10.79 -0.43
C ASP B 118 11.18 11.06 -0.94
N ARG B 119 10.22 10.21 -0.56
CA ARG B 119 8.81 10.46 -0.87
C ARG B 119 7.89 9.57 -0.02
N PHE B 120 6.85 10.18 0.54
CA PHE B 120 5.96 9.49 1.46
C PHE B 120 4.52 9.89 1.24
N SER B 121 3.64 9.21 1.92
CA SER B 121 2.22 9.41 1.77
C SER B 121 1.53 8.81 3.00
N LEU B 122 0.59 9.55 3.59
CA LEU B 122 -0.11 9.08 4.77
C LEU B 122 -1.30 8.23 4.40
N LEU B 123 -1.47 7.12 5.11
CA LEU B 123 -2.63 6.26 4.99
C LEU B 123 -3.56 6.52 6.16
N PRO B 124 -4.85 6.20 6.01
CA PRO B 124 -5.84 6.54 7.03
C PRO B 124 -5.92 5.56 8.20
N THR B 125 -5.35 4.37 8.04
CA THR B 125 -5.50 3.33 9.06
C THR B 125 -4.76 3.68 10.37
N GLU B 126 -5.51 3.81 11.45
CA GLU B 126 -4.97 4.21 12.77
C GLU B 126 -5.08 3.05 13.75
N GLN B 127 -4.16 2.97 14.70
CA GLN B 127 -3.95 1.72 15.41
C GLN B 127 -3.03 1.89 16.63
N PRO B 128 -3.30 1.16 17.73
CA PRO B 128 -2.42 1.15 18.91
C PRO B 128 -0.95 0.87 18.58
N ARG B 129 -0.06 1.68 19.14
CA ARG B 129 1.38 1.51 18.92
C ARG B 129 1.95 0.53 19.93
N LEU B 130 2.65 -0.48 19.43
CA LEU B 130 3.27 -1.47 20.29
C LEU B 130 4.78 -1.35 20.24
N ARG B 131 5.40 -1.57 21.39
CA ARG B 131 6.85 -1.56 21.48
C ARG B 131 7.35 -2.70 20.62
N VAL B 132 8.51 -2.50 20.03
CA VAL B 132 9.09 -3.45 19.08
C VAL B 132 10.61 -3.17 19.05
N PRO B 133 11.45 -4.22 19.00
CA PRO B 133 12.88 -3.91 19.01
C PRO B 133 13.33 -3.16 17.77
N GLY B 134 14.47 -2.49 17.87
CA GLY B 134 15.06 -1.85 16.72
C GLY B 134 15.70 -2.89 15.83
N CYS B 135 15.65 -2.66 14.52
CA CYS B 135 16.20 -3.60 13.55
C CYS B 135 17.72 -3.77 13.63
N ASN B 136 18.40 -2.85 14.32
CA ASN B 136 19.83 -2.99 14.57
C ASN B 136 20.14 -3.99 15.67
N GLN B 137 19.12 -4.47 16.37
CA GLN B 137 19.29 -5.54 17.34
C GLN B 137 19.32 -6.90 16.67
N ASP B 138 18.86 -6.99 15.43
CA ASP B 138 18.86 -8.28 14.72
C ASP B 138 20.27 -8.66 14.29
N LEU B 139 20.66 -9.90 14.52
CA LEU B 139 22.04 -10.35 14.35
C LEU B 139 22.47 -10.40 12.89
N ASP B 140 21.53 -10.65 11.99
CA ASP B 140 21.82 -10.67 10.56
C ASP B 140 22.11 -9.25 10.10
N VAL B 141 21.35 -8.30 10.65
CA VAL B 141 21.54 -6.88 10.36
C VAL B 141 22.84 -6.40 10.98
N GLN B 142 23.09 -6.81 12.22
CA GLN B 142 24.34 -6.46 12.89
C GLN B 142 25.54 -6.94 12.09
N LYS B 143 25.50 -8.18 11.61
CA LYS B 143 26.63 -8.73 10.87
C LYS B 143 26.88 -7.91 9.62
N LYS B 144 25.81 -7.62 8.89
CA LYS B 144 25.90 -6.83 7.66
C LYS B 144 26.43 -5.42 7.93
N LEU B 145 25.97 -4.78 9.01
CA LEU B 145 26.47 -3.47 9.39
C LEU B 145 28.00 -3.49 9.51
N TYR B 146 28.53 -4.51 10.18
CA TYR B 146 29.97 -4.64 10.39
C TYR B 146 30.71 -5.25 9.20
N ASP B 147 30.01 -5.51 8.09
CA ASP B 147 30.65 -5.75 6.81
C ASP B 147 30.83 -4.41 6.08
N CYS B 148 29.83 -3.55 6.18
CA CYS B 148 29.90 -2.22 5.56
C CYS B 148 30.99 -1.35 6.16
N LEU B 149 31.10 -1.34 7.48
CA LEU B 149 32.11 -0.53 8.16
C LEU B 149 33.54 -0.99 7.88
N GLU B 150 33.72 -2.29 7.56
CA GLU B 150 35.05 -2.84 7.26
C GLU B 150 35.52 -2.58 5.81
N GLU B 151 34.91 -1.61 5.12
CA GLU B 151 35.23 -1.33 3.73
C GLU B 151 35.36 0.18 3.49
#